data_9N2M
#
_entry.id   9N2M
#
_cell.length_a   47.300
_cell.length_b   63.080
_cell.length_c   88.120
_cell.angle_alpha   90.00
_cell.angle_beta   90.00
_cell.angle_gamma   90.00
#
_symmetry.space_group_name_H-M   'P 21 21 21'
#
loop_
_entity.id
_entity.type
_entity.pdbx_description
1 polymer 'Death-associated protein kinase 1'
2 non-polymer 'SULFATE ION'
3 non-polymer 5-(pyridin-4-yl)-3-[4-(pyridin-4-yl)piperazin-1-yl]pyridazine
4 water water
#
_entity_poly.entity_id   1
_entity_poly.type   'polypeptide(L)'
_entity_poly.pdbx_seq_one_letter_code
;TVFRQENVDDYYDTGEELGSGQFAVVKKCREKSTGLQYAAKFIKKRRTKSSRRGVSREDIEREVSILKEIQHPNVITLHE
VYENKTDVILILELVAGGELFDFLAEKESLTEEEATEFLKQILNGVYYLHSLQIAHFDLKPENIMLLDRNVPKPRIKIID
FGLAHKIDFGNEFKNIFGTPEFVAPEIVNYEPLGLEADMWSIGVITYILLSGASPFLGDTKQETLANVSAVNYEFEDEYF
SNTSALAKDFIRRLLVKDPKKRMTIQDSLQHPWIKPKDTQQALSSAWSHPQFE
;
_entity_poly.pdbx_strand_id   A
#
loop_
_chem_comp.id
_chem_comp.type
_chem_comp.name
_chem_comp.formula
A1BVM non-polymer 5-(pyridin-4-yl)-3-[4-(pyridin-4-yl)piperazin-1-yl]pyridazine 'C18 H18 N6'
SO4 non-polymer 'SULFATE ION' 'O4 S -2'
#
# COMPACT_ATOMS: atom_id res chain seq x y z
N THR A 1 -14.47 2.17 20.33
CA THR A 1 -13.35 2.85 20.98
C THR A 1 -13.42 4.33 20.68
N VAL A 2 -13.23 5.17 21.67
CA VAL A 2 -13.34 6.59 21.44
C VAL A 2 -11.92 7.16 21.44
N PHE A 3 -11.77 8.32 20.82
CA PHE A 3 -10.45 8.95 20.63
C PHE A 3 -10.46 10.30 21.33
N ARG A 4 -9.30 10.98 21.32
CA ARG A 4 -9.18 12.26 22.01
C ARG A 4 -10.10 13.29 21.36
N GLN A 5 -10.91 13.95 22.17
CA GLN A 5 -11.89 14.87 21.61
C GLN A 5 -11.59 16.35 21.85
N GLU A 6 -10.44 16.67 22.43
CA GLU A 6 -9.99 18.06 22.39
C GLU A 6 -9.74 18.47 20.93
N ASN A 7 -9.84 19.77 20.68
CA ASN A 7 -9.57 20.27 19.33
C ASN A 7 -8.11 20.02 19.00
N VAL A 8 -7.87 19.37 17.87
CA VAL A 8 -6.51 19.08 17.45
C VAL A 8 -5.70 20.36 17.28
N ASP A 9 -6.36 21.46 16.88
CA ASP A 9 -5.68 22.74 16.71
C ASP A 9 -5.16 23.30 18.02
N ASP A 10 -5.64 22.81 19.16
CA ASP A 10 -5.07 23.23 20.45
C ASP A 10 -3.69 22.63 20.67
N TYR A 11 -3.34 21.56 19.95
CA TYR A 11 -2.13 20.80 20.18
C TYR A 11 -1.18 20.80 19.00
N TYR A 12 -1.68 21.08 17.81
CA TYR A 12 -0.87 21.03 16.59
C TYR A 12 -1.19 22.24 15.74
N ASP A 13 -0.18 22.73 15.03
CA ASP A 13 -0.37 23.71 13.97
C ASP A 13 -0.18 23.01 12.64
N THR A 14 -1.09 23.20 11.72
CA THR A 14 -0.97 22.55 10.43
C THR A 14 -0.28 23.47 9.42
N GLY A 15 0.22 22.85 8.37
CA GLY A 15 0.84 23.59 7.28
C GLY A 15 0.37 23.11 5.92
N GLU A 16 1.31 22.71 5.08
CA GLU A 16 1.05 22.29 3.70
C GLU A 16 0.14 21.06 3.65
N GLU A 17 -0.83 21.06 2.73
CA GLU A 17 -1.52 19.84 2.39
C GLU A 17 -0.64 18.98 1.51
N LEU A 18 -0.54 17.70 1.83
CA LEU A 18 0.25 16.77 1.04
C LEU A 18 -0.66 16.00 0.09
N GLY A 19 -0.05 15.31 -0.87
CA GLY A 19 -0.82 14.49 -1.78
C GLY A 19 -1.55 13.37 -1.05
N SER A 20 -2.76 13.07 -1.50
CA SER A 20 -3.54 12.01 -0.89
C SER A 20 -4.54 11.47 -1.92
N GLY A 21 -5.34 10.50 -1.49
CA GLY A 21 -6.44 10.00 -2.28
C GLY A 21 -7.66 10.88 -2.18
N GLN A 22 -8.69 10.52 -2.95
CA GLN A 22 -9.88 11.34 -3.03
C GLN A 22 -10.60 11.46 -1.69
N PHE A 23 -10.40 10.52 -0.78
CA PHE A 23 -11.29 10.37 0.37
C PHE A 23 -10.75 10.95 1.68
N ALA A 24 -9.44 10.95 1.89
CA ALA A 24 -8.87 11.55 3.09
C ALA A 24 -8.08 12.80 2.70
N VAL A 25 -7.78 13.63 3.69
CA VAL A 25 -6.92 14.79 3.52
C VAL A 25 -5.72 14.61 4.42
N VAL A 26 -4.53 14.91 3.93
CA VAL A 26 -3.31 14.78 4.70
C VAL A 26 -2.62 16.13 4.74
N LYS A 27 -2.26 16.59 5.95
CA LYS A 27 -1.56 17.86 6.11
C LYS A 27 -0.31 17.67 6.95
N LYS A 28 0.76 18.36 6.57
CA LYS A 28 1.88 18.50 7.49
C LYS A 28 1.42 19.24 8.74
N CYS A 29 1.98 18.85 9.89
CA CYS A 29 1.66 19.54 11.11
C CYS A 29 2.85 19.51 12.05
N ARG A 30 2.75 20.34 13.08
CA ARG A 30 3.79 20.47 14.09
C ARG A 30 3.17 20.45 15.47
N GLU A 31 3.67 19.57 16.33
CA GLU A 31 3.13 19.51 17.68
C GLU A 31 3.66 20.68 18.50
N LYS A 32 2.74 21.41 19.14
CA LYS A 32 3.14 22.62 19.86
C LYS A 32 4.09 22.33 21.01
N SER A 33 3.87 21.23 21.74
CA SER A 33 4.65 20.98 22.95
C SER A 33 6.09 20.54 22.70
N THR A 34 6.39 19.98 21.52
CA THR A 34 7.69 19.40 21.25
C THR A 34 8.38 19.98 20.03
N GLY A 35 7.65 20.69 19.18
CA GLY A 35 8.18 21.12 17.90
C GLY A 35 8.33 20.02 16.88
N LEU A 36 7.97 18.78 17.21
CA LEU A 36 8.14 17.67 16.28
C LEU A 36 7.08 17.72 15.20
N GLN A 37 7.48 17.30 14.00
CA GLN A 37 6.62 17.36 12.83
C GLN A 37 6.00 16.00 12.52
N TYR A 38 4.76 16.03 12.07
CA TYR A 38 3.94 14.85 11.80
C TYR A 38 3.13 15.10 10.54
N ALA A 39 2.43 14.07 10.10
CA ALA A 39 1.42 14.21 9.07
C ALA A 39 0.07 13.89 9.70
N ALA A 40 -0.89 14.80 9.55
CA ALA A 40 -2.23 14.60 10.07
C ALA A 40 -3.14 14.11 8.94
N LYS A 41 -3.71 12.93 9.11
CA LYS A 41 -4.64 12.37 8.14
C LYS A 41 -6.06 12.50 8.68
N PHE A 42 -6.90 13.22 7.96
CA PHE A 42 -8.28 13.50 8.35
C PHE A 42 -9.17 12.54 7.58
N ILE A 43 -9.82 11.62 8.29
CA ILE A 43 -10.73 10.64 7.70
C ILE A 43 -12.15 11.11 7.97
N LYS A 44 -12.95 11.26 6.92
CA LYS A 44 -14.31 11.75 7.09
C LYS A 44 -15.22 10.68 7.65
N LYS A 45 -15.93 11.01 8.72
CA LYS A 45 -16.86 10.08 9.34
C LYS A 45 -18.15 9.99 8.53
N ARG A 46 -18.84 8.86 8.69
CA ARG A 46 -20.19 8.73 8.15
C ARG A 46 -21.15 9.63 8.90
N ARG A 47 -22.04 10.29 8.16
CA ARG A 47 -23.01 11.22 8.71
C ARG A 47 -24.28 10.53 9.19
N THR A 48 -24.60 9.36 8.63
CA THR A 48 -25.75 8.56 9.03
C THR A 48 -25.37 7.09 8.93
N LYS A 49 -26.25 6.22 9.43
CA LYS A 49 -25.91 4.80 9.46
C LYS A 49 -25.91 4.19 8.06
N SER A 50 -26.91 4.53 7.24
CA SER A 50 -27.04 3.98 5.90
C SER A 50 -26.41 4.86 4.83
N SER A 51 -25.35 5.59 5.17
CA SER A 51 -24.74 6.51 4.24
C SER A 51 -23.62 5.83 3.45
N ARG A 52 -23.42 6.30 2.23
CA ARG A 52 -22.34 5.81 1.37
C ARG A 52 -21.08 6.65 1.46
N ARG A 53 -21.21 7.93 1.80
CA ARG A 53 -20.05 8.81 1.93
C ARG A 53 -19.46 8.67 3.32
N GLY A 54 -18.16 8.95 3.42
CA GLY A 54 -17.46 8.79 4.69
C GLY A 54 -17.10 7.35 4.95
N VAL A 55 -16.34 7.15 6.03
CA VAL A 55 -15.83 5.84 6.40
C VAL A 55 -16.58 5.40 7.66
N SER A 56 -17.08 4.17 7.65
CA SER A 56 -17.81 3.67 8.81
C SER A 56 -16.91 3.59 10.03
N ARG A 57 -17.53 3.71 11.20
CA ARG A 57 -16.76 3.64 12.44
C ARG A 57 -16.01 2.32 12.55
N GLU A 58 -16.66 1.23 12.16
CA GLU A 58 -16.00 -0.07 12.19
C GLU A 58 -14.72 -0.05 11.36
N ASP A 59 -14.79 0.57 10.17
CA ASP A 59 -13.63 0.60 9.29
C ASP A 59 -12.53 1.51 9.85
N ILE A 60 -12.90 2.65 10.43
CA ILE A 60 -11.88 3.52 11.03
C ILE A 60 -11.20 2.81 12.18
N GLU A 61 -11.98 2.17 13.05
CA GLU A 61 -11.42 1.48 14.21
C GLU A 61 -10.49 0.35 13.81
N ARG A 62 -10.83 -0.36 12.71
CA ARG A 62 -9.95 -1.43 12.23
C ARG A 62 -8.60 -0.86 11.80
N GLU A 63 -8.61 0.23 11.05
CA GLU A 63 -7.38 0.85 10.60
C GLU A 63 -6.53 1.32 11.78
N VAL A 64 -7.17 1.97 12.77
CA VAL A 64 -6.44 2.43 13.95
C VAL A 64 -5.85 1.27 14.73
N SER A 65 -6.63 0.19 14.91
CA SER A 65 -6.15 -0.96 15.66
CA SER A 65 -6.12 -0.93 15.69
C SER A 65 -4.92 -1.58 15.00
N ILE A 66 -4.95 -1.67 13.66
CA ILE A 66 -3.81 -2.24 12.95
CA ILE A 66 -3.82 -2.20 12.89
C ILE A 66 -2.59 -1.32 13.07
N LEU A 67 -2.78 -0.01 12.88
CA LEU A 67 -1.66 0.92 13.03
C LEU A 67 -1.05 0.83 14.42
N LYS A 68 -1.88 0.68 15.46
CA LYS A 68 -1.35 0.65 16.82
C LYS A 68 -0.48 -0.58 17.05
N GLU A 69 -0.76 -1.69 16.36
CA GLU A 69 -0.03 -2.92 16.59
C GLU A 69 1.34 -2.92 15.92
N ILE A 70 1.50 -2.20 14.82
CA ILE A 70 2.69 -2.35 13.99
CA ILE A 70 2.66 -2.32 13.97
C ILE A 70 3.77 -1.37 14.42
N GLN A 71 5.01 -1.87 14.52
CA GLN A 71 6.20 -1.06 14.73
C GLN A 71 7.37 -1.67 13.95
N HIS A 72 7.73 -1.05 12.83
CA HIS A 72 8.76 -1.57 11.94
C HIS A 72 9.28 -0.43 11.08
N PRO A 73 10.57 -0.41 10.74
CA PRO A 73 11.09 0.74 9.96
C PRO A 73 10.42 0.96 8.63
N ASN A 74 9.83 -0.07 8.01
CA ASN A 74 9.25 0.09 6.69
C ASN A 74 7.74 0.26 6.72
N VAL A 75 7.17 0.56 7.88
CA VAL A 75 5.76 0.89 7.98
CA VAL A 75 5.76 0.90 7.97
C VAL A 75 5.62 2.18 8.77
N ILE A 76 4.62 2.98 8.41
CA ILE A 76 4.41 4.27 9.07
C ILE A 76 3.98 4.04 10.53
N THR A 77 4.48 4.90 11.43
CA THR A 77 4.15 4.89 12.87
C THR A 77 2.96 5.80 13.14
N LEU A 78 2.00 5.32 13.94
CA LEU A 78 0.89 6.15 14.43
C LEU A 78 1.26 6.76 15.78
N HIS A 79 1.13 8.07 15.89
CA HIS A 79 1.48 8.80 17.10
C HIS A 79 0.30 9.02 18.04
N GLU A 80 -0.83 9.50 17.52
CA GLU A 80 -2.01 9.81 18.34
C GLU A 80 -3.21 9.80 17.43
N VAL A 81 -4.39 9.72 18.04
CA VAL A 81 -5.66 9.81 17.32
C VAL A 81 -6.59 10.79 18.01
N TYR A 82 -7.12 11.73 17.24
CA TYR A 82 -8.13 12.67 17.70
C TYR A 82 -9.41 12.45 16.91
N GLU A 83 -10.50 13.01 17.43
CA GLU A 83 -11.74 12.94 16.67
C GLU A 83 -12.64 14.11 17.00
N ASN A 84 -13.49 14.48 16.05
CA ASN A 84 -14.54 15.48 16.26
C ASN A 84 -15.77 15.01 15.50
N LYS A 85 -16.80 15.86 15.42
CA LYS A 85 -18.05 15.41 14.83
C LYS A 85 -17.89 14.95 13.39
N THR A 86 -16.96 15.55 12.64
CA THR A 86 -16.84 15.27 11.19
C THR A 86 -15.70 14.33 10.83
N ASP A 87 -14.67 14.27 11.66
CA ASP A 87 -13.48 13.51 11.23
C ASP A 87 -12.75 12.75 12.33
N VAL A 88 -12.07 11.69 11.94
CA VAL A 88 -11.10 11.04 12.85
C VAL A 88 -9.76 11.54 12.29
N ILE A 89 -8.86 12.00 13.15
CA ILE A 89 -7.60 12.61 12.73
C ILE A 89 -6.47 11.74 13.25
N LEU A 90 -5.76 11.10 12.34
CA LEU A 90 -4.60 10.29 12.70
C LEU A 90 -3.37 11.18 12.64
N ILE A 91 -2.62 11.20 13.74
CA ILE A 91 -1.33 11.91 13.74
C ILE A 91 -0.29 10.86 13.47
N LEU A 92 0.29 10.88 12.26
CA LEU A 92 1.21 9.88 11.77
C LEU A 92 2.62 10.45 11.66
N GLU A 93 3.57 9.54 11.69
CA GLU A 93 4.94 9.89 11.35
C GLU A 93 4.98 10.57 9.98
N LEU A 94 5.74 11.67 9.90
CA LEU A 94 5.88 12.42 8.63
C LEU A 94 6.89 11.71 7.72
N VAL A 95 6.47 11.41 6.50
CA VAL A 95 7.40 10.82 5.49
C VAL A 95 7.47 11.91 4.40
N ALA A 96 8.60 12.60 4.31
CA ALA A 96 8.65 13.84 3.49
C ALA A 96 9.24 13.71 2.09
N GLY A 97 9.60 12.52 1.63
CA GLY A 97 10.27 12.39 0.32
C GLY A 97 9.32 12.07 -0.81
N GLY A 98 8.02 12.12 -0.54
CA GLY A 98 7.04 11.90 -1.61
C GLY A 98 6.73 10.44 -1.88
N GLU A 99 5.85 10.21 -2.84
CA GLU A 99 5.38 8.88 -3.17
C GLU A 99 6.38 8.20 -4.10
N LEU A 100 6.46 6.89 -3.98
CA LEU A 100 7.20 6.12 -4.97
C LEU A 100 6.61 6.32 -6.36
N PHE A 101 5.29 6.48 -6.47
CA PHE A 101 4.66 6.80 -7.74
C PHE A 101 5.30 8.00 -8.41
N ASP A 102 5.52 9.08 -7.65
CA ASP A 102 6.04 10.31 -8.24
C ASP A 102 7.54 10.18 -8.55
N PHE A 103 8.26 9.40 -7.74
CA PHE A 103 9.66 9.12 -7.99
C PHE A 103 9.84 8.34 -9.29
N LEU A 104 8.97 7.36 -9.52
CA LEU A 104 9.02 6.56 -10.75
C LEU A 104 8.66 7.40 -11.96
N ALA A 105 7.70 8.31 -11.80
CA ALA A 105 7.33 9.17 -12.92
C ALA A 105 8.51 10.01 -13.37
N GLU A 106 9.45 10.29 -12.48
CA GLU A 106 10.63 11.12 -12.83
C GLU A 106 11.67 10.25 -13.53
N LYS A 107 11.83 9.01 -13.10
CA LYS A 107 12.90 8.15 -13.66
C LYS A 107 12.43 7.35 -14.87
N GLU A 108 11.13 7.27 -15.10
CA GLU A 108 10.56 6.45 -16.21
C GLU A 108 10.59 4.97 -15.82
N SER A 109 11.78 4.39 -15.71
CA SER A 109 11.93 2.97 -15.26
C SER A 109 13.17 2.87 -14.37
N LEU A 110 13.20 1.86 -13.52
CA LEU A 110 14.35 1.63 -12.68
C LEU A 110 15.18 0.47 -13.20
N THR A 111 16.50 0.56 -12.99
CA THR A 111 17.37 -0.59 -13.19
C THR A 111 16.99 -1.72 -12.24
N GLU A 112 17.44 -2.93 -12.56
CA GLU A 112 17.18 -4.05 -11.67
C GLU A 112 17.77 -3.81 -10.29
N GLU A 113 18.96 -3.21 -10.22
CA GLU A 113 19.54 -2.95 -8.91
C GLU A 113 18.73 -1.90 -8.16
N GLU A 114 18.30 -0.82 -8.83
CA GLU A 114 17.49 0.20 -8.17
C GLU A 114 16.16 -0.39 -7.74
N ALA A 115 15.53 -1.19 -8.61
CA ALA A 115 14.27 -1.82 -8.26
C ALA A 115 14.43 -2.75 -7.07
N THR A 116 15.51 -3.55 -7.04
CA THR A 116 15.65 -4.47 -5.91
CA THR A 116 15.72 -4.48 -5.93
C THR A 116 15.94 -3.74 -4.61
N GLU A 117 16.59 -2.59 -4.67
CA GLU A 117 16.81 -1.82 -3.44
C GLU A 117 15.49 -1.37 -2.84
N PHE A 118 14.55 -0.94 -3.68
CA PHE A 118 13.21 -0.62 -3.17
C PHE A 118 12.46 -1.87 -2.76
N LEU A 119 12.50 -2.89 -3.62
CA LEU A 119 11.71 -4.09 -3.36
CA LEU A 119 11.73 -4.11 -3.38
C LEU A 119 12.15 -4.78 -2.08
N LYS A 120 13.45 -4.82 -1.79
CA LYS A 120 13.87 -5.43 -0.53
C LYS A 120 13.20 -4.79 0.67
N GLN A 121 13.06 -3.45 0.65
CA GLN A 121 12.42 -2.78 1.77
C GLN A 121 10.93 -3.07 1.81
N ILE A 122 10.26 -3.06 0.64
CA ILE A 122 8.84 -3.41 0.60
C ILE A 122 8.63 -4.84 1.12
N LEU A 123 9.47 -5.77 0.66
CA LEU A 123 9.34 -7.14 1.11
C LEU A 123 9.58 -7.26 2.61
N ASN A 124 10.54 -6.49 3.15
CA ASN A 124 10.78 -6.54 4.59
C ASN A 124 9.56 -6.05 5.36
N GLY A 125 8.93 -4.97 4.89
CA GLY A 125 7.74 -4.46 5.56
C GLY A 125 6.59 -5.44 5.45
N VAL A 126 6.40 -6.03 4.27
CA VAL A 126 5.31 -7.00 4.11
C VAL A 126 5.61 -8.27 4.90
N TYR A 127 6.87 -8.66 5.01
CA TYR A 127 7.18 -9.82 5.84
C TYR A 127 6.77 -9.58 7.29
N TYR A 128 7.04 -8.39 7.81
CA TYR A 128 6.57 -8.05 9.14
C TYR A 128 5.04 -8.12 9.23
N LEU A 129 4.32 -7.50 8.29
CA LEU A 129 2.86 -7.51 8.34
C LEU A 129 2.32 -8.92 8.25
N HIS A 130 2.81 -9.69 7.29
CA HIS A 130 2.30 -11.05 7.13
C HIS A 130 2.64 -11.93 8.33
N SER A 131 3.77 -11.66 9.00
CA SER A 131 4.10 -12.39 10.23
C SER A 131 3.08 -12.14 11.33
N LEU A 132 2.43 -10.98 11.31
CA LEU A 132 1.35 -10.65 12.23
C LEU A 132 -0.02 -11.00 11.67
N GLN A 133 -0.05 -11.70 10.52
CA GLN A 133 -1.31 -12.08 9.86
C GLN A 133 -2.11 -10.85 9.41
N ILE A 134 -1.42 -9.77 9.05
CA ILE A 134 -2.06 -8.58 8.54
C ILE A 134 -1.89 -8.56 7.03
N ALA A 135 -3.00 -8.58 6.31
CA ALA A 135 -3.00 -8.34 4.87
C ALA A 135 -3.22 -6.85 4.64
N HIS A 136 -2.40 -6.26 3.77
CA HIS A 136 -2.52 -4.83 3.52
C HIS A 136 -3.69 -4.55 2.57
N PHE A 137 -3.81 -5.34 1.50
CA PHE A 137 -4.87 -5.30 0.51
C PHE A 137 -4.88 -4.06 -0.38
N ASP A 138 -3.90 -3.17 -0.28
CA ASP A 138 -3.89 -1.98 -1.14
C ASP A 138 -2.45 -1.59 -1.50
N LEU A 139 -1.58 -2.57 -1.73
CA LEU A 139 -0.20 -2.24 -2.07
C LEU A 139 -0.12 -1.73 -3.50
N LYS A 140 0.48 -0.55 -3.65
CA LYS A 140 0.68 0.11 -4.94
C LYS A 140 1.68 1.25 -4.72
N PRO A 141 2.31 1.78 -5.80
CA PRO A 141 3.34 2.82 -5.62
C PRO A 141 2.87 4.07 -4.87
N GLU A 142 1.59 4.45 -5.01
CA GLU A 142 1.11 5.63 -4.30
C GLU A 142 1.08 5.43 -2.79
N ASN A 143 1.02 4.17 -2.33
CA ASN A 143 0.98 3.86 -0.90
C ASN A 143 2.36 3.54 -0.33
N ILE A 144 3.42 3.86 -1.07
CA ILE A 144 4.78 3.71 -0.59
CA ILE A 144 4.81 3.69 -0.64
C ILE A 144 5.44 5.06 -0.70
N MET A 145 5.95 5.54 0.43
CA MET A 145 6.53 6.87 0.53
CA MET A 145 6.55 6.86 0.47
C MET A 145 8.03 6.79 0.83
N LEU A 146 8.77 7.77 0.33
CA LEU A 146 10.21 7.85 0.50
C LEU A 146 10.52 8.79 1.66
N LEU A 147 11.50 8.41 2.48
CA LEU A 147 11.91 9.29 3.56
C LEU A 147 12.63 10.52 3.03
N ASP A 148 13.46 10.33 2.00
CA ASP A 148 14.24 11.41 1.41
C ASP A 148 14.50 10.98 -0.03
N ARG A 149 14.03 11.77 -1.00
CA ARG A 149 14.13 11.32 -2.38
C ARG A 149 15.43 11.74 -3.04
N ASN A 150 16.33 12.38 -2.31
CA ASN A 150 17.55 12.95 -2.86
C ASN A 150 18.80 12.14 -2.57
N VAL A 151 18.66 10.96 -1.97
CA VAL A 151 19.79 10.08 -1.68
C VAL A 151 19.86 9.00 -2.77
N PRO A 152 21.03 8.39 -3.01
CA PRO A 152 21.10 7.37 -4.07
C PRO A 152 20.20 6.15 -3.87
N LYS A 153 19.94 5.74 -2.63
CA LYS A 153 19.15 4.54 -2.35
C LYS A 153 18.03 4.91 -1.38
N PRO A 154 16.96 5.53 -1.87
CA PRO A 154 15.94 6.07 -0.96
C PRO A 154 15.30 4.99 -0.08
N ARG A 155 15.08 5.34 1.18
CA ARG A 155 14.42 4.44 2.13
C ARG A 155 12.92 4.68 2.07
N ILE A 156 12.13 3.61 2.32
CA ILE A 156 10.69 3.72 2.13
C ILE A 156 9.88 3.25 3.34
N LYS A 157 8.62 3.68 3.35
CA LYS A 157 7.63 3.23 4.32
C LYS A 157 6.32 2.98 3.61
N ILE A 158 5.67 1.89 3.98
CA ILE A 158 4.32 1.60 3.52
C ILE A 158 3.36 2.43 4.33
N ILE A 159 2.47 3.13 3.63
N ILE A 159 2.36 3.00 3.67
CA ILE A 159 1.41 3.89 4.27
CA ILE A 159 1.32 3.71 4.36
C ILE A 159 0.04 3.33 3.96
C ILE A 159 -0.04 3.24 3.84
N ASP A 160 -0.94 3.98 4.55
N ASP A 160 -1.07 3.87 4.38
CA ASP A 160 -2.37 3.85 4.33
CA ASP A 160 -2.46 3.66 4.04
C ASP A 160 -2.92 2.44 4.43
C ASP A 160 -2.85 2.26 4.42
N PHE A 161 -3.24 2.10 5.67
CA PHE A 161 -3.77 0.83 6.11
C PHE A 161 -5.29 0.81 6.10
N GLY A 162 -5.92 1.61 5.24
CA GLY A 162 -7.37 1.72 5.20
C GLY A 162 -8.10 0.49 4.69
N LEU A 163 -7.41 -0.45 4.03
CA LEU A 163 -8.03 -1.71 3.64
C LEU A 163 -7.47 -2.90 4.41
N ALA A 164 -6.50 -2.66 5.29
CA ALA A 164 -5.79 -3.76 5.93
C ALA A 164 -6.72 -4.53 6.87
N HIS A 165 -6.51 -5.85 6.93
CA HIS A 165 -7.29 -6.69 7.83
C HIS A 165 -6.40 -7.72 8.47
N LYS A 166 -6.72 -8.04 9.71
CA LYS A 166 -6.14 -9.21 10.36
C LYS A 166 -6.80 -10.47 9.79
N ILE A 167 -5.96 -11.44 9.42
CA ILE A 167 -6.44 -12.66 8.78
C ILE A 167 -6.17 -13.80 9.76
N ASP A 168 -7.08 -14.02 10.69
CA ASP A 168 -6.81 -15.04 11.70
C ASP A 168 -7.45 -16.39 11.36
N PHE A 169 -8.31 -16.44 10.34
CA PHE A 169 -8.91 -17.68 9.89
C PHE A 169 -8.43 -18.03 8.50
N GLY A 170 -7.24 -17.57 8.11
CA GLY A 170 -6.71 -17.87 6.79
C GLY A 170 -7.22 -17.01 5.64
N ASN A 171 -8.45 -16.49 5.72
CA ASN A 171 -9.00 -15.67 4.65
C ASN A 171 -10.12 -14.82 5.23
N GLU A 172 -10.43 -13.75 4.51
CA GLU A 172 -11.58 -12.88 4.77
C GLU A 172 -12.51 -12.87 3.57
N PHE A 173 -13.80 -12.82 3.83
CA PHE A 173 -14.78 -12.83 2.71
C PHE A 173 -15.78 -11.74 2.95
N LYS A 174 -15.48 -10.55 2.42
CA LYS A 174 -16.38 -9.40 2.66
C LYS A 174 -16.14 -8.33 1.60
N ASN A 175 -16.50 -7.08 1.91
CA ASN A 175 -16.38 -5.96 0.96
C ASN A 175 -14.94 -5.45 0.97
N ILE A 176 -14.10 -6.06 0.14
CA ILE A 176 -12.69 -5.65 0.06
C ILE A 176 -12.29 -5.55 -1.41
N PHE A 177 -11.99 -4.35 -1.86
CA PHE A 177 -11.61 -4.16 -3.26
C PHE A 177 -10.68 -2.95 -3.35
N GLY A 178 -9.46 -3.16 -3.82
CA GLY A 178 -8.50 -2.09 -4.01
C GLY A 178 -8.54 -1.48 -5.40
N THR A 179 -7.40 -0.96 -5.85
CA THR A 179 -7.29 -0.28 -7.14
C THR A 179 -7.17 -1.30 -8.27
N PRO A 180 -7.99 -1.20 -9.33
CA PRO A 180 -8.05 -2.28 -10.34
C PRO A 180 -6.71 -2.75 -10.90
N GLU A 181 -5.79 -1.84 -11.21
CA GLU A 181 -4.53 -2.27 -11.79
C GLU A 181 -3.71 -3.18 -10.88
N PHE A 182 -3.96 -3.16 -9.56
CA PHE A 182 -3.12 -3.82 -8.58
C PHE A 182 -3.78 -4.97 -7.86
N VAL A 183 -5.08 -5.19 -8.06
CA VAL A 183 -5.78 -6.22 -7.30
C VAL A 183 -5.55 -7.59 -7.91
N ALA A 184 -5.56 -8.60 -7.06
CA ALA A 184 -5.41 -9.99 -7.48
C ALA A 184 -6.70 -10.53 -8.08
N PRO A 185 -6.63 -11.63 -8.85
CA PRO A 185 -7.86 -12.20 -9.43
C PRO A 185 -8.90 -12.55 -8.41
N GLU A 186 -8.51 -13.01 -7.21
CA GLU A 186 -9.52 -13.36 -6.21
C GLU A 186 -10.29 -12.13 -5.75
N ILE A 187 -9.68 -10.94 -5.79
CA ILE A 187 -10.42 -9.72 -5.49
C ILE A 187 -11.43 -9.44 -6.61
N VAL A 188 -10.98 -9.50 -7.86
CA VAL A 188 -11.84 -9.26 -9.01
C VAL A 188 -13.05 -10.19 -8.98
N ASN A 189 -12.84 -11.44 -8.59
CA ASN A 189 -13.86 -12.47 -8.60
C ASN A 189 -14.64 -12.55 -7.29
N TYR A 190 -14.37 -11.65 -6.34
CA TYR A 190 -15.13 -11.60 -5.07
C TYR A 190 -15.04 -12.93 -4.31
N GLU A 191 -13.86 -13.51 -4.25
CA GLU A 191 -13.57 -14.75 -3.58
C GLU A 191 -12.93 -14.46 -2.22
N PRO A 192 -12.88 -15.44 -1.32
CA PRO A 192 -12.16 -15.23 -0.06
C PRO A 192 -10.71 -14.81 -0.30
N LEU A 193 -10.22 -13.91 0.55
CA LEU A 193 -8.95 -13.23 0.35
C LEU A 193 -8.01 -13.50 1.52
N GLY A 194 -6.73 -13.67 1.23
CA GLY A 194 -5.76 -13.81 2.30
C GLY A 194 -4.49 -13.05 2.00
N LEU A 195 -3.40 -13.40 2.70
CA LEU A 195 -2.12 -12.75 2.49
C LEU A 195 -1.63 -12.88 1.05
N GLU A 196 -2.12 -13.89 0.30
CA GLU A 196 -1.64 -14.10 -1.06
C GLU A 196 -1.96 -12.92 -1.96
N ALA A 197 -3.06 -12.20 -1.68
CA ALA A 197 -3.41 -11.07 -2.53
C ALA A 197 -2.31 -10.02 -2.55
N ASP A 198 -1.65 -9.80 -1.42
CA ASP A 198 -0.55 -8.82 -1.35
C ASP A 198 0.61 -9.28 -2.22
N MET A 199 0.87 -10.59 -2.28
CA MET A 199 1.95 -11.09 -3.12
C MET A 199 1.71 -10.82 -4.60
N TRP A 200 0.47 -10.97 -5.06
CA TRP A 200 0.16 -10.58 -6.44
C TRP A 200 0.48 -9.10 -6.65
N SER A 201 0.05 -8.24 -5.72
CA SER A 201 0.29 -6.81 -5.90
C SER A 201 1.77 -6.49 -5.97
N ILE A 202 2.59 -7.20 -5.18
CA ILE A 202 4.04 -7.03 -5.27
C ILE A 202 4.55 -7.41 -6.67
N GLY A 203 4.00 -8.47 -7.28
CA GLY A 203 4.35 -8.78 -8.66
C GLY A 203 4.04 -7.64 -9.62
N VAL A 204 2.88 -7.01 -9.46
CA VAL A 204 2.51 -5.90 -10.31
C VAL A 204 3.48 -4.75 -10.10
N ILE A 205 3.74 -4.39 -8.84
CA ILE A 205 4.67 -3.32 -8.52
C ILE A 205 6.03 -3.60 -9.16
N THR A 206 6.53 -4.83 -9.05
CA THR A 206 7.85 -5.17 -9.61
C THR A 206 7.87 -4.97 -11.13
N TYR A 207 6.81 -5.43 -11.81
CA TYR A 207 6.70 -5.23 -13.24
C TYR A 207 6.79 -3.74 -13.58
N ILE A 208 6.06 -2.91 -12.85
CA ILE A 208 6.05 -1.46 -13.11
C ILE A 208 7.41 -0.85 -12.83
N LEU A 209 8.05 -1.25 -11.74
CA LEU A 209 9.36 -0.68 -11.42
C LEU A 209 10.35 -0.91 -12.55
N LEU A 210 10.32 -2.10 -13.16
CA LEU A 210 11.32 -2.45 -14.17
C LEU A 210 11.00 -1.89 -15.54
N SER A 211 9.74 -1.60 -15.83
CA SER A 211 9.33 -1.26 -17.19
C SER A 211 8.72 0.12 -17.33
N GLY A 212 8.20 0.70 -16.25
CA GLY A 212 7.40 1.90 -16.37
C GLY A 212 6.01 1.67 -16.92
N ALA A 213 5.62 0.43 -17.12
CA ALA A 213 4.32 0.09 -17.70
C ALA A 213 3.57 -0.81 -16.74
N SER A 214 2.26 -0.73 -16.81
CA SER A 214 1.38 -1.48 -15.93
C SER A 214 0.90 -2.75 -16.64
N PRO A 215 1.05 -3.94 -16.03
CA PRO A 215 0.90 -5.19 -16.80
C PRO A 215 -0.50 -5.50 -17.27
N PHE A 216 -1.54 -5.08 -16.54
CA PHE A 216 -2.93 -5.44 -16.86
C PHE A 216 -3.77 -4.27 -17.30
N LEU A 217 -3.20 -3.07 -17.36
CA LEU A 217 -4.00 -1.86 -17.53
C LEU A 217 -4.68 -1.83 -18.88
N GLY A 218 -6.01 -1.69 -18.88
CA GLY A 218 -6.79 -1.48 -20.08
C GLY A 218 -7.27 -0.04 -20.18
N ASP A 219 -8.15 0.20 -21.14
CA ASP A 219 -8.61 1.60 -21.37
C ASP A 219 -9.76 1.97 -20.43
N THR A 220 -10.33 0.97 -19.75
CA THR A 220 -11.40 1.21 -18.79
C THR A 220 -11.15 0.29 -17.61
N LYS A 221 -11.82 0.60 -16.49
CA LYS A 221 -11.67 -0.25 -15.30
C LYS A 221 -12.12 -1.68 -15.60
N GLN A 222 -13.24 -1.84 -16.33
CA GLN A 222 -13.72 -3.20 -16.60
C GLN A 222 -12.72 -4.00 -17.43
N GLU A 223 -12.05 -3.34 -18.38
CA GLU A 223 -11.03 -4.04 -19.16
CA GLU A 223 -11.03 -4.04 -19.16
C GLU A 223 -9.85 -4.45 -18.29
N THR A 224 -9.39 -3.55 -17.41
CA THR A 224 -8.30 -3.91 -16.50
C THR A 224 -8.68 -5.11 -15.66
N LEU A 225 -9.89 -5.10 -15.09
CA LEU A 225 -10.32 -6.18 -14.21
C LEU A 225 -10.44 -7.49 -14.97
N ALA A 226 -10.96 -7.44 -16.19
CA ALA A 226 -11.01 -8.65 -17.01
C ALA A 226 -9.60 -9.14 -17.33
N ASN A 227 -8.66 -8.23 -17.58
CA ASN A 227 -7.28 -8.63 -17.84
C ASN A 227 -6.65 -9.29 -16.62
N VAL A 228 -6.89 -8.74 -15.42
CA VAL A 228 -6.36 -9.35 -14.20
C VAL A 228 -6.92 -10.77 -14.06
N SER A 229 -8.22 -10.91 -14.21
CA SER A 229 -8.84 -12.21 -13.99
C SER A 229 -8.31 -13.28 -14.95
N ALA A 230 -7.99 -12.89 -16.20
CA ALA A 230 -7.45 -13.78 -17.21
C ALA A 230 -5.93 -13.92 -17.15
N VAL A 231 -5.27 -13.19 -16.24
CA VAL A 231 -3.78 -13.16 -16.17
C VAL A 231 -3.27 -12.75 -17.57
N ASN A 232 -3.85 -11.68 -18.08
CA ASN A 232 -3.52 -11.16 -19.44
C ASN A 232 -2.38 -10.15 -19.35
N TYR A 233 -1.16 -10.66 -19.24
CA TYR A 233 0.03 -9.79 -19.27
C TYR A 233 1.15 -10.49 -20.03
N GLU A 234 2.09 -9.69 -20.52
CA GLU A 234 3.28 -10.28 -21.11
C GLU A 234 4.48 -9.38 -20.86
N PHE A 235 5.69 -9.96 -20.93
CA PHE A 235 6.93 -9.17 -20.79
C PHE A 235 7.30 -8.61 -22.17
N GLU A 236 6.75 -7.46 -22.50
CA GLU A 236 7.01 -6.83 -23.81
C GLU A 236 8.49 -6.61 -24.03
N ASP A 237 8.97 -7.07 -25.19
CA ASP A 237 10.40 -6.98 -25.48
C ASP A 237 10.89 -5.53 -25.42
N GLU A 238 10.07 -4.58 -25.86
CA GLU A 238 10.50 -3.18 -25.86
C GLU A 238 10.90 -2.73 -24.46
N TYR A 239 10.24 -3.25 -23.42
CA TYR A 239 10.58 -2.90 -22.05
C TYR A 239 11.54 -3.88 -21.39
N PHE A 240 11.51 -5.16 -21.78
CA PHE A 240 12.15 -6.21 -21.00
C PHE A 240 13.25 -6.97 -21.74
N SER A 241 13.62 -6.56 -22.96
CA SER A 241 14.57 -7.35 -23.74
C SER A 241 15.91 -7.50 -23.05
N ASN A 242 16.28 -6.54 -22.20
CA ASN A 242 17.55 -6.57 -21.49
C ASN A 242 17.39 -6.85 -20.00
N THR A 243 16.21 -7.25 -19.58
CA THR A 243 15.95 -7.61 -18.18
C THR A 243 16.36 -9.06 -17.95
N SER A 244 16.96 -9.32 -16.79
CA SER A 244 17.45 -10.67 -16.52
C SER A 244 16.31 -11.68 -16.44
N ALA A 245 16.62 -12.90 -16.82
CA ALA A 245 15.67 -14.00 -16.70
C ALA A 245 15.21 -14.20 -15.26
N LEU A 246 16.10 -13.98 -14.28
CA LEU A 246 15.72 -14.18 -12.89
C LEU A 246 14.69 -13.16 -12.45
N ALA A 247 14.78 -11.92 -12.93
CA ALA A 247 13.77 -10.93 -12.60
C ALA A 247 12.41 -11.33 -13.15
N LYS A 248 12.38 -11.81 -14.40
CA LYS A 248 11.13 -12.30 -14.98
C LYS A 248 10.61 -13.50 -14.20
N ASP A 249 11.48 -14.38 -13.74
CA ASP A 249 11.09 -15.56 -12.94
C ASP A 249 10.38 -15.08 -11.67
N PHE A 250 10.98 -14.09 -11.00
CA PHE A 250 10.37 -13.55 -9.78
C PHE A 250 8.94 -13.08 -10.05
N ILE A 251 8.76 -12.24 -11.07
CA ILE A 251 7.43 -11.72 -11.37
C ILE A 251 6.48 -12.86 -11.73
N ARG A 252 6.97 -13.79 -12.56
CA ARG A 252 6.12 -14.87 -13.04
C ARG A 252 5.59 -15.72 -11.91
N ARG A 253 6.36 -15.87 -10.83
CA ARG A 253 5.92 -16.68 -9.70
C ARG A 253 4.97 -15.95 -8.75
N LEU A 254 4.78 -14.65 -8.94
CA LEU A 254 3.82 -13.86 -8.19
C LEU A 254 2.52 -13.64 -8.95
N LEU A 255 2.58 -13.48 -10.28
CA LEU A 255 1.39 -13.22 -11.09
C LEU A 255 0.78 -14.54 -11.52
N VAL A 256 0.29 -15.26 -10.52
CA VAL A 256 -0.26 -16.61 -10.65
C VAL A 256 -1.70 -16.55 -10.18
N LYS A 257 -2.63 -17.07 -10.98
CA LYS A 257 -4.05 -16.94 -10.64
CA LYS A 257 -4.05 -16.95 -10.64
C LYS A 257 -4.39 -17.69 -9.36
N ASP A 258 -3.95 -18.94 -9.24
CA ASP A 258 -4.30 -19.73 -8.05
C ASP A 258 -3.52 -19.20 -6.86
N PRO A 259 -4.18 -18.63 -5.83
CA PRO A 259 -3.41 -18.08 -4.72
C PRO A 259 -2.52 -19.10 -4.04
N LYS A 260 -2.93 -20.37 -3.99
CA LYS A 260 -2.13 -21.39 -3.32
C LYS A 260 -0.83 -21.69 -4.04
N LYS A 261 -0.72 -21.38 -5.33
CA LYS A 261 0.49 -21.66 -6.08
C LYS A 261 1.40 -20.45 -6.21
N ARG A 262 0.95 -19.29 -5.74
CA ARG A 262 1.72 -18.07 -5.76
C ARG A 262 2.83 -18.13 -4.71
N MET A 263 3.95 -17.47 -4.98
CA MET A 263 5.01 -17.34 -3.97
C MET A 263 4.48 -16.60 -2.74
N THR A 264 4.89 -17.08 -1.57
CA THR A 264 4.60 -16.39 -0.31
C THR A 264 5.67 -15.34 -0.05
N ILE A 265 5.46 -14.54 1.00
CA ILE A 265 6.47 -13.54 1.34
C ILE A 265 7.79 -14.21 1.70
N GLN A 266 7.75 -15.33 2.43
CA GLN A 266 8.99 -16.04 2.75
C GLN A 266 9.68 -16.57 1.49
N ASP A 267 8.92 -17.11 0.55
CA ASP A 267 9.48 -17.55 -0.72
C ASP A 267 10.15 -16.38 -1.43
N SER A 268 9.52 -15.21 -1.41
CA SER A 268 10.04 -14.08 -2.17
CA SER A 268 10.04 -14.08 -2.18
C SER A 268 11.39 -13.63 -1.65
N LEU A 269 11.58 -13.71 -0.33
CA LEU A 269 12.86 -13.32 0.28
C LEU A 269 13.96 -14.33 0.01
N GLN A 270 13.63 -15.59 -0.27
CA GLN A 270 14.63 -16.59 -0.61
C GLN A 270 14.85 -16.73 -2.11
N HIS A 271 14.04 -16.07 -2.92
CA HIS A 271 14.16 -16.21 -4.36
C HIS A 271 15.55 -15.72 -4.79
N PRO A 272 16.21 -16.41 -5.72
CA PRO A 272 17.58 -16.02 -6.07
C PRO A 272 17.75 -14.60 -6.60
N TRP A 273 16.70 -13.97 -7.13
CA TRP A 273 16.84 -12.57 -7.55
C TRP A 273 17.01 -11.65 -6.35
N ILE A 274 16.46 -12.02 -5.20
CA ILE A 274 16.41 -11.17 -4.01
C ILE A 274 17.47 -11.56 -2.98
N LYS A 275 17.63 -12.85 -2.72
CA LYS A 275 18.48 -13.29 -1.62
C LYS A 275 19.90 -12.80 -1.82
N PRO A 276 20.53 -12.21 -0.80
CA PRO A 276 21.90 -11.68 -0.88
C PRO A 276 22.94 -12.79 -0.78
N PRO A 290 -15.42 2.35 -6.11
CA PRO A 290 -13.97 2.08 -6.18
C PRO A 290 -13.61 1.35 -7.47
N GLN A 291 -14.19 0.16 -7.65
CA GLN A 291 -13.95 -0.65 -8.82
C GLN A 291 -14.89 -0.33 -9.99
N PHE A 292 -15.84 0.59 -9.80
CA PHE A 292 -16.86 0.89 -10.80
C PHE A 292 -16.61 2.27 -11.39
N GLU A 293 -16.72 2.37 -12.71
CA GLU A 293 -16.57 3.64 -13.40
C GLU A 293 -17.75 4.56 -13.07
S SO4 B . 9.47 -14.55 -21.60
O1 SO4 B . 8.09 -14.83 -21.22
O2 SO4 B . 10.38 -14.81 -20.48
O3 SO4 B . 9.85 -15.41 -22.73
O4 SO4 B . 9.58 -13.15 -22.00
C2 A1BVM C . 0.04 9.89 2.46
C3 A1BVM C . -1.10 9.27 1.97
C4 A1BVM C . -0.24 9.24 -0.32
C5 A1BVM C . -0.79 9.63 -1.69
C6 A1BVM C . -2.49 8.87 -3.31
C7 A1BVM C . -3.44 7.94 -3.71
C8 A1BVM C . -4.00 8.06 -4.98
C10 A1BVM C . -2.14 9.86 -4.19
C17 A1BVM C . 2.20 11.48 3.81
C16 A1BVM C . 3.34 11.96 4.42
C15 A1BVM C . 3.06 10.61 6.22
C14 A1BVM C . 1.91 10.07 5.70
C13 A1BVM C . -0.76 9.34 4.62
C12 A1BVM C . -2.25 8.00 0.24
C11 A1BVM C . -2.04 7.60 -1.21
C1 A1BVM C . 0.23 9.92 3.85
N A1BVM C . -1.33 9.07 0.63
C A1BVM C . 1.45 10.50 4.46
C9 A1BVM C . -2.75 9.91 -5.44
N1 A1BVM C . -1.94 8.81 -2.04
N2 A1BVM C . -3.67 9.03 -5.84
N3 A1BVM C . -2.03 8.75 2.77
N4 A1BVM C . -1.85 8.78 4.10
N5 A1BVM C . 3.78 11.55 5.60
#